data_4W9P
#
_entry.id   4W9P
#
_cell.length_a   73.179
_cell.length_b   50.674
_cell.length_c   69.228
_cell.angle_alpha   90.000
_cell.angle_beta   115.650
_cell.angle_gamma   90.000
#
_symmetry.space_group_name_H-M   'C 1 2 1'
#
loop_
_entity.id
_entity.type
_entity.pdbx_description
1 polymer 'Peptidyl-prolyl cis-trans isomerase FKBP5'
2 non-polymer (1S,5S,6R)-10-[(3,5-dichlorophenyl)sulfonyl]-5-[(1S)-1,2-dihydroxyethyl]-3-[2-(3,4-dimethoxyphenoxy)ethyl]-3,10-diazabicyclo[4.3.1]decan-2-one
3 non-polymer 'ACETATE ION'
4 water water
#
_entity_poly.entity_id   1
_entity_poly.type   'polypeptide(L)'
_entity_poly.pdbx_seq_one_letter_code
;GAPATVTEQGEDITSKKDRGVLKIVKRVGNGEETPMIGDKVYVHYKGKLSNGKKFDSSHDRNEPFVFSLGKGQVIKAWDI
GVATMKKGEICHLLCKPEYAYGSAGSLPKIPSNATLFFEIELLDFKGE
;
_entity_poly.pdbx_strand_id   A,E
#
loop_
_chem_comp.id
_chem_comp.type
_chem_comp.name
_chem_comp.formula
3JR non-polymer (1S,5S,6R)-10-[(3,5-dichlorophenyl)sulfonyl]-5-[(1S)-1,2-dihydroxyethyl]-3-[2-(3,4-dimethoxyphenoxy)ethyl]-3,10-diazabicyclo[4.3.1]decan-2-one 'C26 H32 Cl2 N2 O8 S'
ACT non-polymer 'ACETATE ION' 'C2 H3 O2 -1'
#
# COMPACT_ATOMS: atom_id res chain seq x y z
N THR A 7 -4.90 -2.90 28.47
CA THR A 7 -6.15 -2.08 28.53
C THR A 7 -5.92 -0.60 28.94
N GLU A 8 -4.67 -0.24 29.27
CA GLU A 8 -4.30 1.16 29.57
C GLU A 8 -4.37 2.05 28.33
N GLN A 9 -3.89 1.52 27.21
CA GLN A 9 -3.88 2.27 25.98
C GLN A 9 -4.95 1.78 25.03
N GLY A 10 -5.85 0.91 25.51
CA GLY A 10 -7.01 0.46 24.74
C GLY A 10 -7.13 -1.04 24.61
N GLU A 11 -8.13 -1.48 23.88
CA GLU A 11 -8.43 -2.90 23.72
C GLU A 11 -7.57 -3.45 22.58
N ASP A 12 -6.89 -4.57 22.84
CA ASP A 12 -6.15 -5.25 21.80
C ASP A 12 -7.14 -5.99 20.89
N ILE A 13 -7.26 -5.51 19.65
CA ILE A 13 -8.20 -6.10 18.70
C ILE A 13 -7.55 -6.99 17.64
N THR A 14 -6.25 -7.23 17.79
CA THR A 14 -5.52 -8.16 16.90
C THR A 14 -5.90 -9.63 17.14
N SER A 15 -5.85 -10.45 16.09
CA SER A 15 -6.11 -11.87 16.26
C SER A 15 -5.00 -12.53 17.04
N LYS A 16 -3.77 -12.03 16.86
CA LYS A 16 -2.60 -12.55 17.60
C LYS A 16 -2.49 -12.10 19.09
N LYS A 17 -3.23 -11.08 19.49
CA LYS A 17 -3.10 -10.46 20.78
C LYS A 17 -1.68 -10.04 21.05
N ASP A 18 -1.10 -9.38 20.06
CA ASP A 18 0.26 -8.84 20.16
C ASP A 18 0.34 -7.34 20.46
N ARG A 19 -0.80 -6.77 20.83
CA ARG A 19 -0.89 -5.35 21.19
C ARG A 19 -0.55 -4.45 20.00
N GLY A 20 -0.64 -4.96 18.76
CA GLY A 20 -0.26 -4.14 17.61
C GLY A 20 -1.27 -3.13 17.10
N VAL A 21 -2.53 -3.34 17.49
CA VAL A 21 -3.64 -2.46 17.16
C VAL A 21 -4.50 -2.36 18.40
N LEU A 22 -4.52 -1.16 18.97
CA LEU A 22 -5.25 -0.91 20.21
C LEU A 22 -6.36 0.09 19.94
N LYS A 23 -7.52 -0.21 20.49
CA LYS A 23 -8.71 0.53 20.15
C LYS A 23 -9.37 1.13 21.39
N ILE A 24 -9.72 2.41 21.28
CA ILE A 24 -10.52 3.09 22.32
C ILE A 24 -11.79 3.67 21.65
N VAL A 25 -12.97 3.29 22.15
CA VAL A 25 -14.22 3.90 21.67
C VAL A 25 -14.39 5.31 22.27
N LYS A 26 -14.55 6.30 21.39
CA LYS A 26 -14.83 7.69 21.80
C LYS A 26 -16.29 8.02 21.79
N ARG A 27 -17.04 7.49 20.83
CA ARG A 27 -18.48 7.61 20.78
C ARG A 27 -19.06 6.31 20.26
N VAL A 28 -20.06 5.81 20.97
CA VAL A 28 -20.69 4.55 20.60
C VAL A 28 -21.59 4.78 19.38
N GLY A 29 -21.57 3.85 18.42
CA GLY A 29 -22.44 3.95 17.25
C GLY A 29 -23.86 3.55 17.63
N ASN A 30 -24.88 4.15 17.02
CA ASN A 30 -26.22 3.52 17.16
C ASN A 30 -26.42 2.33 16.23
N GLY A 31 -25.52 2.16 15.28
CA GLY A 31 -25.51 1.01 14.39
C GLY A 31 -25.45 -0.28 15.19
N GLU A 32 -25.98 -1.31 14.55
CA GLU A 32 -26.08 -2.64 15.09
C GLU A 32 -25.00 -3.58 14.51
N GLU A 33 -24.86 -3.67 13.19
CA GLU A 33 -23.84 -4.58 12.58
C GLU A 33 -22.58 -3.84 12.17
N THR A 34 -21.48 -4.56 12.20
CA THR A 34 -20.26 -4.11 11.57
C THR A 34 -20.33 -4.29 10.06
N PRO A 35 -19.49 -3.55 9.32
CA PRO A 35 -19.39 -3.79 7.89
C PRO A 35 -18.85 -5.19 7.63
N MET A 36 -19.23 -5.75 6.48
CA MET A 36 -18.77 -7.07 6.09
C MET A 36 -17.66 -6.95 5.09
N ILE A 37 -16.89 -8.03 5.00
CA ILE A 37 -15.83 -8.09 3.99
C ILE A 37 -16.41 -7.80 2.58
N GLY A 38 -15.72 -6.91 1.87
CA GLY A 38 -16.17 -6.46 0.59
C GLY A 38 -17.09 -5.28 0.58
N ASP A 39 -17.59 -4.84 1.73
CA ASP A 39 -18.46 -3.67 1.72
C ASP A 39 -17.65 -2.44 1.37
N LYS A 40 -18.32 -1.51 0.72
CA LYS A 40 -17.80 -0.19 0.53
C LYS A 40 -18.06 0.59 1.79
N VAL A 41 -16.99 1.00 2.47
N VAL A 41 -16.98 1.08 2.40
CA VAL A 41 -17.11 1.74 3.73
CA VAL A 41 -17.03 1.74 3.68
C VAL A 41 -16.67 3.18 3.53
C VAL A 41 -16.62 3.20 3.56
N TYR A 42 -17.34 4.07 4.27
CA TYR A 42 -17.18 5.50 4.22
C TYR A 42 -16.79 5.97 5.58
N VAL A 43 -15.62 6.60 5.67
CA VAL A 43 -15.16 7.11 6.96
C VAL A 43 -14.64 8.55 6.90
N HIS A 44 -14.59 9.17 8.07
CA HIS A 44 -13.75 10.33 8.28
C HIS A 44 -12.62 9.93 9.22
N TYR A 45 -11.41 10.43 8.98
CA TYR A 45 -10.31 10.19 9.89
C TYR A 45 -9.38 11.37 10.03
N LYS A 46 -8.62 11.37 11.13
CA LYS A 46 -7.47 12.24 11.32
C LYS A 46 -6.34 11.35 11.85
N GLY A 47 -5.19 11.45 11.22
CA GLY A 47 -4.02 10.68 11.63
C GLY A 47 -2.92 11.58 12.16
N LYS A 48 -2.29 11.14 13.26
CA LYS A 48 -1.21 11.87 13.91
C LYS A 48 -0.08 10.94 14.19
N LEU A 49 1.10 11.53 14.22
CA LEU A 49 2.33 10.83 14.63
C LEU A 49 2.51 10.94 16.16
N SER A 50 3.49 10.22 16.69
CA SER A 50 3.74 10.23 18.12
C SER A 50 4.23 11.58 18.64
N ASN A 51 4.70 12.45 17.76
CA ASN A 51 5.05 13.83 18.12
C ASN A 51 3.85 14.77 18.08
N GLY A 52 2.66 14.20 17.85
CA GLY A 52 1.42 14.97 17.76
C GLY A 52 1.10 15.64 16.44
N LYS A 53 2.02 15.60 15.47
CA LYS A 53 1.82 16.22 14.17
C LYS A 53 0.73 15.47 13.41
N LYS A 54 -0.28 16.19 12.94
CA LYS A 54 -1.24 15.65 11.97
C LYS A 54 -0.51 15.35 10.66
N PHE A 55 -0.57 14.11 10.17
CA PHE A 55 0.01 13.79 8.87
C PHE A 55 -1.06 13.78 7.75
N ASP A 56 -2.33 13.55 8.09
CA ASP A 56 -3.40 13.52 7.09
C ASP A 56 -4.76 13.52 7.75
N SER A 57 -5.76 14.03 7.04
CA SER A 57 -7.12 14.04 7.55
C SER A 57 -8.06 14.15 6.38
N SER A 58 -9.04 13.25 6.33
CA SER A 58 -10.11 13.40 5.36
C SER A 58 -10.94 14.66 5.61
N HIS A 59 -11.05 15.09 6.86
CA HIS A 59 -11.84 16.31 7.19
C HIS A 59 -11.30 17.50 6.46
N ASP A 60 -9.99 17.50 6.22
CA ASP A 60 -9.31 18.58 5.51
C ASP A 60 -9.65 18.63 4.01
N ARG A 61 -10.20 17.53 3.47
CA ARG A 61 -10.63 17.45 2.06
C ARG A 61 -12.15 17.63 1.94
N ASN A 62 -12.85 17.65 3.07
CA ASN A 62 -14.31 17.86 3.07
C ASN A 62 -15.08 16.80 2.30
N GLU A 63 -14.53 15.60 2.26
CA GLU A 63 -15.23 14.44 1.72
C GLU A 63 -14.67 13.16 2.37
N PRO A 64 -15.50 12.14 2.44
CA PRO A 64 -15.09 10.93 3.15
C PRO A 64 -14.04 10.16 2.38
N PHE A 65 -13.33 9.32 3.12
CA PHE A 65 -12.50 8.33 2.54
C PHE A 65 -13.28 7.03 2.38
N VAL A 66 -13.14 6.44 1.21
CA VAL A 66 -13.95 5.32 0.83
C VAL A 66 -13.03 4.16 0.42
N PHE A 67 -13.31 2.99 0.94
CA PHE A 67 -12.52 1.80 0.55
C PHE A 67 -13.31 0.53 0.73
N SER A 68 -12.88 -0.55 0.07
CA SER A 68 -13.53 -1.85 0.27
C SER A 68 -12.90 -2.62 1.42
N LEU A 69 -13.70 -2.96 2.43
CA LEU A 69 -13.17 -3.58 3.64
C LEU A 69 -12.60 -4.97 3.42
N GLY A 70 -11.41 -5.21 3.97
CA GLY A 70 -10.88 -6.56 4.03
C GLY A 70 -10.26 -7.00 2.72
N LYS A 71 -9.88 -6.04 1.90
CA LYS A 71 -9.34 -6.32 0.57
C LYS A 71 -7.91 -5.85 0.41
N GLY A 72 -7.26 -5.42 1.50
CA GLY A 72 -5.87 -4.98 1.43
C GLY A 72 -5.65 -3.69 0.68
N GLN A 73 -6.68 -2.86 0.68
CA GLN A 73 -6.63 -1.53 0.09
C GLN A 73 -6.04 -0.49 1.05
N VAL A 74 -5.86 -0.91 2.31
CA VAL A 74 -5.39 -0.02 3.36
C VAL A 74 -4.46 -0.82 4.24
N ILE A 75 -3.74 -0.10 5.09
CA ILE A 75 -2.87 -0.78 6.04
C ILE A 75 -3.62 -1.78 6.89
N LYS A 76 -2.91 -2.78 7.41
CA LYS A 76 -3.54 -3.85 8.12
C LYS A 76 -4.35 -3.35 9.30
N ALA A 77 -3.83 -2.34 10.03
CA ALA A 77 -4.53 -1.86 11.22
C ALA A 77 -5.96 -1.38 10.91
N TRP A 78 -6.13 -0.80 9.73
CA TRP A 78 -7.45 -0.36 9.25
C TRP A 78 -8.39 -1.49 8.86
N ASP A 79 -7.94 -2.47 8.11
CA ASP A 79 -8.78 -3.62 7.80
C ASP A 79 -9.22 -4.32 9.11
N ILE A 80 -8.32 -4.39 10.10
CA ILE A 80 -8.71 -4.91 11.41
C ILE A 80 -9.65 -4.00 12.17
N GLY A 81 -9.32 -2.71 12.25
CA GLY A 81 -10.00 -1.76 13.13
C GLY A 81 -11.38 -1.39 12.63
N VAL A 82 -11.48 -1.09 11.35
CA VAL A 82 -12.76 -0.66 10.80
C VAL A 82 -13.78 -1.79 10.84
N ALA A 83 -13.28 -3.04 10.75
CA ALA A 83 -14.16 -4.19 10.80
C ALA A 83 -14.83 -4.35 12.14
N THR A 84 -14.33 -3.68 13.17
CA THR A 84 -14.94 -3.76 14.53
C THR A 84 -15.97 -2.67 14.81
N MET A 85 -16.10 -1.71 13.89
CA MET A 85 -16.88 -0.50 14.12
C MET A 85 -18.32 -0.65 13.67
N LYS A 86 -19.20 0.10 14.35
CA LYS A 86 -20.62 0.22 13.93
C LYS A 86 -20.89 1.62 13.36
N LYS A 87 -21.92 1.74 12.53
CA LYS A 87 -22.28 3.06 11.97
C LYS A 87 -22.52 4.09 13.08
N GLY A 88 -21.88 5.26 12.92
CA GLY A 88 -21.89 6.32 13.92
C GLY A 88 -20.80 6.31 14.96
N GLU A 89 -20.07 5.22 15.02
CA GLU A 89 -19.01 5.10 15.99
C GLU A 89 -17.81 5.98 15.66
N ILE A 90 -17.22 6.55 16.71
CA ILE A 90 -15.89 7.15 16.61
C ILE A 90 -14.97 6.41 17.55
N CYS A 91 -13.80 6.06 17.03
CA CYS A 91 -12.81 5.40 17.84
C CYS A 91 -11.45 5.99 17.60
N HIS A 92 -10.55 5.70 18.55
CA HIS A 92 -9.12 5.97 18.40
C HIS A 92 -8.44 4.65 18.18
N LEU A 93 -7.55 4.60 17.19
CA LEU A 93 -6.77 3.40 16.90
C LEU A 93 -5.30 3.74 17.01
N LEU A 94 -4.59 3.01 17.85
CA LEU A 94 -3.13 3.08 17.94
C LEU A 94 -2.63 1.91 17.13
N CYS A 95 -1.77 2.21 16.15
CA CYS A 95 -1.39 1.27 15.10
C CYS A 95 0.10 1.19 15.13
N LYS A 96 0.65 0.11 15.67
CA LYS A 96 2.09 -0.09 15.67
C LYS A 96 2.60 -0.27 14.23
N PRO A 97 3.90 -0.07 14.01
CA PRO A 97 4.42 -0.11 12.63
C PRO A 97 4.21 -1.41 11.88
N GLU A 98 4.30 -2.54 12.59
CA GLU A 98 4.01 -3.85 11.99
C GLU A 98 2.61 -3.96 11.38
N TYR A 99 1.68 -3.09 11.80
CA TYR A 99 0.34 -3.04 11.25
C TYR A 99 0.10 -1.77 10.40
N ALA A 100 1.18 -1.05 10.01
CA ALA A 100 1.13 0.19 9.29
C ALA A 100 2.27 0.13 8.25
N TYR A 101 3.24 1.04 8.30
CA TYR A 101 4.23 1.22 7.21
C TYR A 101 5.63 0.68 7.58
N GLY A 102 5.71 0.03 8.72
CA GLY A 102 6.88 -0.79 9.08
C GLY A 102 8.17 0.04 9.22
N SER A 103 9.31 -0.62 8.98
CA SER A 103 10.59 0.04 9.16
C SER A 103 10.85 1.07 8.06
N ALA A 104 10.30 0.87 6.87
CA ALA A 104 10.50 1.79 5.75
C ALA A 104 9.78 3.15 5.93
N GLY A 105 8.62 3.09 6.58
CA GLY A 105 7.71 4.21 6.55
C GLY A 105 7.18 4.50 5.14
N SER A 106 6.77 5.74 4.92
CA SER A 106 6.33 6.19 3.60
C SER A 106 6.56 7.69 3.51
N LEU A 107 7.79 8.04 3.18
CA LEU A 107 8.22 9.44 3.15
C LEU A 107 7.46 10.13 2.02
N PRO A 108 7.18 11.43 2.17
CA PRO A 108 7.63 12.29 3.23
C PRO A 108 6.77 12.28 4.51
N LYS A 109 5.54 11.78 4.43
CA LYS A 109 4.57 12.06 5.53
C LYS A 109 4.68 11.07 6.71
N ILE A 110 5.10 9.84 6.44
CA ILE A 110 5.22 8.80 7.47
C ILE A 110 6.68 8.36 7.71
N PRO A 111 7.22 8.68 8.88
CA PRO A 111 8.58 8.25 9.20
C PRO A 111 8.76 6.75 9.37
N SER A 112 10.03 6.33 9.34
N SER A 112 10.03 6.33 9.36
CA SER A 112 10.40 4.97 9.67
CA SER A 112 10.40 4.97 9.67
C SER A 112 9.93 4.61 11.08
C SER A 112 9.94 4.59 11.09
N ASN A 113 9.48 3.37 11.26
CA ASN A 113 9.11 2.81 12.57
C ASN A 113 8.07 3.62 13.30
N ALA A 114 7.08 4.11 12.57
CA ALA A 114 6.09 5.05 13.12
C ALA A 114 4.84 4.36 13.62
N THR A 115 4.55 4.57 14.89
CA THR A 115 3.23 4.24 15.42
C THR A 115 2.27 5.33 14.92
N LEU A 116 1.16 4.91 14.35
CA LEU A 116 0.16 5.87 13.88
C LEU A 116 -1.05 5.93 14.82
N PHE A 117 -1.55 7.15 14.98
CA PHE A 117 -2.69 7.39 15.89
C PHE A 117 -3.83 7.97 15.07
N PHE A 118 -4.88 7.17 14.88
CA PHE A 118 -6.04 7.60 14.09
C PHE A 118 -7.26 7.85 14.97
N GLU A 119 -8.03 8.90 14.60
CA GLU A 119 -9.40 9.04 15.09
C GLU A 119 -10.22 8.75 13.83
N ILE A 120 -11.10 7.74 13.94
CA ILE A 120 -11.90 7.26 12.81
C ILE A 120 -13.39 7.29 13.16
N GLU A 121 -14.17 7.91 12.27
CA GLU A 121 -15.63 7.88 12.33
C GLU A 121 -16.19 7.04 11.19
N LEU A 122 -16.94 6.00 11.55
CA LEU A 122 -17.62 5.19 10.54
C LEU A 122 -18.92 5.88 10.12
N LEU A 123 -18.94 6.42 8.94
CA LEU A 123 -20.12 7.19 8.45
C LEU A 123 -21.20 6.29 7.86
N ASP A 124 -20.81 5.32 7.05
CA ASP A 124 -21.74 4.47 6.34
C ASP A 124 -21.01 3.30 5.74
N PHE A 125 -21.75 2.28 5.32
CA PHE A 125 -21.21 1.21 4.51
C PHE A 125 -22.33 0.55 3.71
N LYS A 126 -21.96 0.01 2.56
CA LYS A 126 -22.91 -0.52 1.59
C LYS A 126 -22.34 -1.82 1.06
N GLY A 127 -23.21 -2.83 0.96
CA GLY A 127 -22.84 -4.14 0.48
C GLY A 127 -22.66 -4.09 -1.02
N GLY B 1 17.71 -17.22 -13.62
CA GLY B 1 16.43 -16.80 -14.31
C GLY B 1 16.28 -15.30 -14.29
N ALA B 2 15.08 -14.85 -14.67
CA ALA B 2 14.86 -13.41 -14.81
C ALA B 2 15.18 -12.59 -13.52
N PRO B 3 14.73 -13.06 -12.35
CA PRO B 3 15.06 -12.32 -11.12
C PRO B 3 16.55 -12.28 -10.85
N ALA B 4 17.28 -13.35 -11.09
CA ALA B 4 18.72 -13.27 -10.88
C ALA B 4 19.36 -12.30 -11.84
N THR B 5 18.87 -12.28 -13.07
CA THR B 5 19.40 -11.46 -14.11
C THR B 5 19.24 -9.95 -13.74
N VAL B 6 18.04 -9.55 -13.34
N VAL B 6 18.04 -9.54 -13.34
CA VAL B 6 17.83 -8.16 -12.95
CA VAL B 6 17.84 -8.15 -12.90
C VAL B 6 18.60 -7.84 -11.65
C VAL B 6 18.65 -7.84 -11.66
N THR B 7 18.73 -8.80 -10.74
CA THR B 7 19.52 -8.59 -9.50
C THR B 7 20.98 -8.28 -9.82
N GLU B 8 21.58 -9.06 -10.72
N GLU B 8 21.56 -9.07 -10.74
CA GLU B 8 22.99 -8.88 -11.10
CA GLU B 8 22.97 -8.96 -11.15
C GLU B 8 23.21 -7.70 -12.04
C GLU B 8 23.23 -7.75 -12.06
N GLN B 9 22.36 -7.56 -13.05
CA GLN B 9 22.56 -6.61 -14.16
C GLN B 9 21.69 -5.35 -14.18
N GLY B 10 20.64 -5.30 -13.34
CA GLY B 10 19.68 -4.22 -13.42
C GLY B 10 20.26 -2.90 -12.95
N GLU B 11 19.67 -1.83 -13.44
CA GLU B 11 20.03 -0.48 -13.02
C GLU B 11 19.39 -0.15 -11.71
N ASP B 12 20.17 0.42 -10.81
CA ASP B 12 19.68 0.85 -9.50
C ASP B 12 19.01 2.18 -9.73
N ILE B 13 17.70 2.24 -9.53
CA ILE B 13 16.94 3.48 -9.78
C ILE B 13 16.43 4.16 -8.50
N THR B 14 16.95 3.73 -7.36
CA THR B 14 16.68 4.38 -6.08
C THR B 14 17.50 5.68 -5.93
N SER B 15 16.97 6.62 -5.19
CA SER B 15 17.71 7.87 -4.92
C SER B 15 18.86 7.60 -3.95
N LYS B 16 18.64 6.68 -3.01
CA LYS B 16 19.68 6.32 -2.03
C LYS B 16 20.79 5.46 -2.61
N LYS B 17 20.57 4.89 -3.79
CA LYS B 17 21.50 3.93 -4.41
C LYS B 17 21.85 2.74 -3.50
N ASP B 18 20.81 2.12 -2.93
CA ASP B 18 20.94 0.92 -2.11
C ASP B 18 20.58 -0.41 -2.83
N ARG B 19 20.48 -0.38 -4.16
CA ARG B 19 20.06 -1.53 -4.99
C ARG B 19 18.71 -2.14 -4.51
N GLY B 20 17.84 -1.30 -3.98
CA GLY B 20 16.53 -1.71 -3.45
C GLY B 20 15.47 -1.86 -4.55
N VAL B 21 15.69 -1.20 -5.66
CA VAL B 21 14.77 -1.22 -6.80
C VAL B 21 15.72 -1.24 -8.02
N LEU B 22 15.61 -2.32 -8.78
CA LEU B 22 16.48 -2.57 -9.95
C LEU B 22 15.60 -2.87 -11.17
N LYS B 23 16.05 -2.41 -12.33
CA LYS B 23 15.25 -2.44 -13.53
C LYS B 23 16.08 -2.84 -14.73
N ILE B 24 15.49 -3.67 -15.59
CA ILE B 24 16.02 -3.86 -16.95
C ILE B 24 14.87 -3.64 -17.94
N VAL B 25 15.14 -2.88 -19.00
CA VAL B 25 14.18 -2.72 -20.10
C VAL B 25 14.22 -3.95 -20.97
N LYS B 26 13.06 -4.58 -21.15
CA LYS B 26 12.93 -5.78 -21.98
C LYS B 26 12.34 -5.52 -23.37
N ARG B 27 11.57 -4.45 -23.52
CA ARG B 27 10.96 -4.05 -24.78
C ARG B 27 10.84 -2.53 -24.71
N VAL B 28 11.53 -1.84 -25.59
CA VAL B 28 11.51 -0.38 -25.58
C VAL B 28 10.15 0.21 -25.89
N GLY B 29 9.89 1.34 -25.26
CA GLY B 29 8.73 2.15 -25.55
C GLY B 29 8.93 3.06 -26.74
N ASN B 30 7.97 3.95 -26.90
CA ASN B 30 7.98 4.92 -27.98
C ASN B 30 7.71 6.30 -27.41
N GLY B 31 8.42 7.27 -27.96
CA GLY B 31 8.38 8.63 -27.45
C GLY B 31 9.23 8.71 -26.20
N GLU B 32 9.86 9.85 -25.99
CA GLU B 32 10.80 9.97 -24.90
C GLU B 32 10.15 10.36 -23.57
N GLU B 33 8.86 10.69 -23.63
CA GLU B 33 8.09 11.16 -22.46
C GLU B 33 7.92 10.02 -21.42
N THR B 34 8.08 10.41 -20.16
CA THR B 34 7.80 9.53 -19.04
C THR B 34 6.73 10.17 -18.13
N PRO B 35 6.04 9.37 -17.33
CA PRO B 35 4.91 9.98 -16.61
C PRO B 35 5.27 10.93 -15.48
N MET B 36 4.45 11.92 -15.29
CA MET B 36 4.68 12.94 -14.27
C MET B 36 3.87 12.54 -13.03
N ILE B 37 4.30 13.04 -11.88
CA ILE B 37 3.53 12.82 -10.64
C ILE B 37 2.10 13.30 -10.87
N GLY B 38 1.14 12.45 -10.54
CA GLY B 38 -0.30 12.80 -10.76
C GLY B 38 -0.91 12.19 -12.00
N ASP B 39 -0.09 11.83 -12.99
CA ASP B 39 -0.62 11.16 -14.17
C ASP B 39 -1.26 9.82 -13.83
N LYS B 40 -2.31 9.52 -14.58
CA LYS B 40 -2.98 8.22 -14.52
C LYS B 40 -2.20 7.29 -15.41
N VAL B 41 -1.72 6.19 -14.82
CA VAL B 41 -0.93 5.22 -15.57
C VAL B 41 -1.72 3.92 -15.66
N TYR B 42 -1.63 3.28 -16.83
CA TYR B 42 -2.32 2.04 -17.18
C TYR B 42 -1.26 0.97 -17.45
N VAL B 43 -1.29 -0.11 -16.69
N VAL B 43 -1.34 -0.14 -16.73
CA VAL B 43 -0.27 -1.13 -16.82
CA VAL B 43 -0.26 -1.10 -16.68
C VAL B 43 -0.90 -2.50 -16.85
C VAL B 43 -0.83 -2.52 -16.71
N HIS B 44 -0.16 -3.43 -17.44
CA HIS B 44 -0.36 -4.83 -17.26
C HIS B 44 0.87 -5.32 -16.57
N TYR B 45 0.71 -6.31 -15.72
CA TYR B 45 1.88 -6.86 -15.05
C TYR B 45 1.72 -8.33 -14.72
N LYS B 46 2.85 -8.99 -14.53
CA LYS B 46 2.85 -10.25 -13.81
C LYS B 46 3.96 -10.27 -12.77
N GLY B 47 3.63 -10.84 -11.62
CA GLY B 47 4.49 -10.82 -10.44
C GLY B 47 4.83 -12.18 -9.88
N LYS B 48 6.12 -12.33 -9.55
CA LYS B 48 6.67 -13.53 -8.93
C LYS B 48 7.35 -13.15 -7.62
N LEU B 49 7.31 -14.09 -6.68
CA LEU B 49 8.04 -13.97 -5.41
C LEU B 49 9.47 -14.50 -5.57
N SER B 50 10.29 -14.07 -4.61
CA SER B 50 11.64 -14.57 -4.49
C SER B 50 11.69 -16.07 -4.20
N ASN B 51 10.60 -16.68 -3.75
CA ASN B 51 10.54 -18.14 -3.67
C ASN B 51 10.29 -18.90 -4.99
N GLY B 52 10.17 -18.16 -6.09
CA GLY B 52 9.95 -18.72 -7.41
C GLY B 52 8.49 -18.79 -7.86
N LYS B 53 7.54 -18.57 -6.95
CA LYS B 53 6.11 -18.71 -7.28
C LYS B 53 5.48 -17.42 -7.81
N LYS B 54 4.63 -17.57 -8.83
CA LYS B 54 3.72 -16.48 -9.22
C LYS B 54 2.87 -16.07 -8.02
N PHE B 55 2.65 -14.78 -7.85
CA PHE B 55 1.64 -14.34 -6.87
C PHE B 55 0.48 -13.57 -7.49
N ASP B 56 0.66 -12.89 -8.63
CA ASP B 56 -0.47 -12.11 -9.22
C ASP B 56 -0.16 -11.73 -10.64
N SER B 57 -1.20 -11.44 -11.42
CA SER B 57 -1.08 -10.87 -12.73
C SER B 57 -2.38 -10.15 -13.03
N SER B 58 -2.28 -8.95 -13.57
CA SER B 58 -3.44 -8.22 -14.06
C SER B 58 -4.17 -8.96 -15.16
N HIS B 59 -3.47 -9.83 -15.90
CA HIS B 59 -4.12 -10.64 -16.94
C HIS B 59 -5.08 -11.66 -16.31
N ASP B 60 -4.90 -12.00 -15.02
CA ASP B 60 -5.82 -12.90 -14.28
C ASP B 60 -7.22 -12.31 -14.28
N ARG B 61 -7.31 -10.96 -14.32
CA ARG B 61 -8.57 -10.24 -14.28
C ARG B 61 -8.99 -9.62 -15.63
N ASN B 62 -8.22 -9.86 -16.69
CA ASN B 62 -8.48 -9.29 -18.02
C ASN B 62 -8.77 -7.79 -18.02
N GLU B 63 -8.03 -7.04 -17.21
CA GLU B 63 -8.18 -5.59 -17.16
C GLU B 63 -6.85 -5.03 -16.68
N PRO B 64 -6.42 -3.92 -17.29
CA PRO B 64 -5.24 -3.25 -16.79
C PRO B 64 -5.43 -2.70 -15.40
N PHE B 65 -4.33 -2.56 -14.66
CA PHE B 65 -4.31 -1.89 -13.38
C PHE B 65 -3.98 -0.40 -13.63
N VAL B 66 -4.76 0.45 -12.99
CA VAL B 66 -4.69 1.89 -13.19
C VAL B 66 -4.46 2.55 -11.82
N PHE B 67 -3.48 3.47 -11.75
CA PHE B 67 -3.26 4.23 -10.52
C PHE B 67 -2.70 5.60 -10.87
N SER B 68 -2.69 6.51 -9.90
CA SER B 68 -2.11 7.84 -10.08
C SER B 68 -0.65 7.85 -9.62
N LEU B 69 0.29 8.17 -10.53
CA LEU B 69 1.71 7.95 -10.24
C LEU B 69 2.27 8.91 -9.19
N GLY B 70 3.15 8.40 -8.33
CA GLY B 70 3.92 9.25 -7.45
C GLY B 70 3.21 9.79 -6.24
N LYS B 71 2.07 9.19 -5.92
CA LYS B 71 1.20 9.62 -4.81
C LYS B 71 1.14 8.61 -3.66
N GLY B 72 1.96 7.58 -3.72
CA GLY B 72 1.91 6.57 -2.64
C GLY B 72 0.67 5.68 -2.68
N GLN B 73 0.15 5.49 -3.87
CA GLN B 73 -0.96 4.57 -4.08
C GLN B 73 -0.52 3.10 -4.25
N VAL B 74 0.78 2.91 -4.43
CA VAL B 74 1.37 1.60 -4.65
C VAL B 74 2.66 1.54 -3.86
N ILE B 75 3.22 0.35 -3.76
CA ILE B 75 4.52 0.17 -3.13
C ILE B 75 5.56 1.10 -3.76
N LYS B 76 6.53 1.46 -2.92
CA LYS B 76 7.49 2.44 -3.33
C LYS B 76 8.20 2.09 -4.61
N ALA B 77 8.55 0.79 -4.74
CA ALA B 77 9.24 0.37 -5.96
C ALA B 77 8.46 0.67 -7.25
N TRP B 78 7.14 0.64 -7.19
CA TRP B 78 6.31 0.92 -8.35
C TRP B 78 6.29 2.42 -8.67
N ASP B 79 6.14 3.25 -7.63
CA ASP B 79 6.15 4.68 -7.85
C ASP B 79 7.50 5.07 -8.48
N ILE B 80 8.61 4.46 -8.02
CA ILE B 80 9.93 4.75 -8.53
C ILE B 80 10.06 4.21 -9.97
N GLY B 81 9.72 2.92 -10.16
CA GLY B 81 9.96 2.22 -11.41
C GLY B 81 9.10 2.72 -12.58
N VAL B 82 7.80 2.90 -12.32
CA VAL B 82 6.91 3.29 -13.43
C VAL B 82 7.21 4.72 -13.92
N ALA B 83 7.73 5.55 -13.02
CA ALA B 83 8.14 6.93 -13.38
C ALA B 83 9.24 6.94 -14.42
N THR B 84 10.02 5.88 -14.51
CA THR B 84 11.12 5.82 -15.45
C THR B 84 10.71 5.29 -16.85
N MET B 85 9.45 4.85 -17.00
CA MET B 85 9.07 4.07 -18.16
C MET B 85 8.49 4.93 -19.29
N LYS B 86 8.77 4.52 -20.53
CA LYS B 86 8.12 5.14 -21.68
C LYS B 86 6.86 4.41 -22.10
N LYS B 87 5.97 5.08 -22.83
CA LYS B 87 4.75 4.45 -23.25
C LYS B 87 5.06 3.22 -24.11
N GLY B 88 4.44 2.09 -23.79
CA GLY B 88 4.70 0.83 -24.50
C GLY B 88 5.86 0.01 -23.96
N GLU B 89 6.65 0.60 -23.10
CA GLU B 89 7.80 -0.12 -22.54
C GLU B 89 7.38 -1.33 -21.74
N ILE B 90 8.18 -2.40 -21.81
CA ILE B 90 8.06 -3.52 -20.85
C ILE B 90 9.38 -3.61 -20.12
N CYS B 91 9.32 -3.56 -18.79
CA CYS B 91 10.53 -3.78 -17.99
C CYS B 91 10.41 -4.94 -17.00
N HIS B 92 11.56 -5.35 -16.51
CA HIS B 92 11.68 -6.18 -15.34
C HIS B 92 12.09 -5.36 -14.16
N LEU B 93 11.32 -5.47 -13.07
CA LEU B 93 11.47 -4.61 -11.89
C LEU B 93 11.61 -5.51 -10.65
N LEU B 94 12.74 -5.37 -9.95
CA LEU B 94 13.05 -6.12 -8.76
C LEU B 94 12.87 -5.17 -7.56
N CYS B 95 12.08 -5.60 -6.59
CA CYS B 95 11.64 -4.76 -5.48
C CYS B 95 12.02 -5.44 -4.18
N LYS B 96 13.07 -4.94 -3.50
CA LYS B 96 13.42 -5.51 -2.23
C LYS B 96 12.39 -5.12 -1.16
N PRO B 97 12.35 -5.83 -0.03
CA PRO B 97 11.26 -5.62 0.93
C PRO B 97 11.07 -4.21 1.42
N GLU B 98 12.18 -3.50 1.58
N GLU B 98 12.13 -3.44 1.62
CA GLU B 98 12.19 -2.11 2.01
CA GLU B 98 11.97 -2.05 2.09
C GLU B 98 11.39 -1.20 1.06
C GLU B 98 11.44 -1.10 1.01
N TYR B 99 11.20 -1.63 -0.19
CA TYR B 99 10.52 -0.84 -1.25
C TYR B 99 9.24 -1.58 -1.65
N ALA B 100 8.81 -2.54 -0.79
CA ALA B 100 7.63 -3.36 -1.04
C ALA B 100 6.87 -3.54 0.31
N TYR B 101 6.67 -4.78 0.77
CA TYR B 101 5.83 -5.03 1.95
C TYR B 101 6.60 -5.31 3.22
N GLY B 102 7.90 -5.11 3.16
CA GLY B 102 8.76 -5.11 4.35
C GLY B 102 8.71 -6.39 5.15
N SER B 103 8.93 -6.26 6.45
CA SER B 103 8.98 -7.45 7.28
C SER B 103 7.60 -8.02 7.63
N ALA B 104 6.56 -7.24 7.55
CA ALA B 104 5.22 -7.75 7.78
C ALA B 104 4.69 -8.63 6.65
N GLY B 105 5.10 -8.30 5.43
CA GLY B 105 4.53 -8.89 4.25
C GLY B 105 3.08 -8.46 4.16
N SER B 106 2.31 -9.25 3.41
CA SER B 106 0.87 -9.03 3.27
C SER B 106 0.21 -10.37 2.97
N LEU B 107 -0.03 -11.17 4.04
CA LEU B 107 -0.56 -12.51 3.91
C LEU B 107 -2.03 -12.43 3.47
N PRO B 108 -2.49 -13.46 2.72
CA PRO B 108 -1.77 -14.67 2.37
C PRO B 108 -0.81 -14.58 1.20
N LYS B 109 -0.91 -13.59 0.34
CA LYS B 109 -0.15 -13.64 -0.93
C LYS B 109 1.32 -13.31 -0.81
N ILE B 110 1.67 -12.37 0.07
CA ILE B 110 3.04 -11.85 0.11
C ILE B 110 3.66 -12.19 1.44
N PRO B 111 4.69 -13.07 1.43
CA PRO B 111 5.35 -13.38 2.68
C PRO B 111 6.13 -12.26 3.30
N SER B 112 6.46 -12.44 4.58
N SER B 112 6.47 -12.44 4.58
CA SER B 112 7.36 -11.53 5.27
CA SER B 112 7.38 -11.53 5.27
C SER B 112 8.73 -11.51 4.57
C SER B 112 8.73 -11.51 4.55
N ASN B 113 9.33 -10.34 4.47
CA ASN B 113 10.67 -10.16 3.89
C ASN B 113 10.81 -10.68 2.48
N ALA B 114 9.76 -10.53 1.68
CA ALA B 114 9.71 -11.03 0.29
C ALA B 114 10.26 -10.02 -0.67
N THR B 115 11.14 -10.45 -1.55
CA THR B 115 11.53 -9.63 -2.71
C THR B 115 10.56 -9.96 -3.86
N LEU B 116 10.02 -8.93 -4.54
CA LEU B 116 9.03 -9.11 -5.57
C LEU B 116 9.68 -8.86 -6.91
N PHE B 117 9.29 -9.65 -7.88
CA PHE B 117 9.78 -9.48 -9.26
C PHE B 117 8.58 -9.23 -10.13
N PHE B 118 8.58 -8.13 -10.89
CA PHE B 118 7.49 -7.87 -11.81
C PHE B 118 8.00 -7.75 -13.24
N GLU B 119 7.21 -8.25 -14.18
CA GLU B 119 7.33 -7.86 -15.60
C GLU B 119 6.18 -6.89 -15.84
N ILE B 120 6.49 -5.63 -16.13
CA ILE B 120 5.45 -4.55 -16.17
C ILE B 120 5.44 -3.93 -17.54
N GLU B 121 4.24 -3.79 -18.12
CA GLU B 121 4.05 -3.11 -19.38
C GLU B 121 3.30 -1.79 -19.12
N LEU B 122 3.89 -0.68 -19.53
CA LEU B 122 3.23 0.61 -19.43
C LEU B 122 2.43 0.78 -20.69
N LEU B 123 1.11 0.60 -20.57
CA LEU B 123 0.24 0.64 -21.75
C LEU B 123 0.03 2.07 -22.19
N ASP B 124 -0.17 2.95 -21.22
CA ASP B 124 -0.47 4.35 -21.51
C ASP B 124 -0.36 5.17 -20.24
N PHE B 125 -0.23 6.48 -20.42
CA PHE B 125 -0.40 7.39 -19.31
C PHE B 125 -1.07 8.66 -19.81
N LYS B 126 -1.90 9.25 -18.98
CA LYS B 126 -2.74 10.41 -19.33
C LYS B 126 -2.67 11.36 -18.14
N GLY B 127 -2.76 12.65 -18.38
CA GLY B 127 -2.67 13.61 -17.27
C GLY B 127 -3.97 13.90 -16.57
CAB 3JR C . 1.79 -0.54 4.23
OAY 3JR C . 0.78 -1.37 3.62
CBF 3JR C . -0.21 -0.74 2.89
CAM 3JR C . -0.32 0.62 2.73
CBE 3JR C . -1.13 -1.59 2.34
OAX 3JR C . -0.98 -2.93 2.55
CAA 3JR C . -1.89 -3.87 1.95
CAK 3JR C . -2.14 -1.08 1.54
CAJ 3JR C . -2.22 0.30 1.37
CBD 3JR C . -1.31 1.14 1.94
OAZ 3JR C . -1.25 2.52 1.79
CAR 3JR C . -2.16 3.26 0.93
CAV 3JR C . -3.55 3.38 1.55
NBL 3JR C . -3.58 4.33 2.68
C 3JR C . -3.74 3.83 3.95
O 3JR C . -3.75 2.60 4.12
CAU 3JR C . -3.53 5.78 2.33
CBJ 3JR C . -4.82 6.53 2.74
CBH 3JR C . -4.96 7.88 1.97
OAG 3JR C . -5.39 7.59 0.65
CAP 3JR C . -3.68 8.68 1.98
OAF 3JR C . -4.04 10.14 1.90
CBK 3JR C . -4.78 6.81 4.25
CAT 3JR C . -6.12 6.44 4.93
CAQ 3JR C . -6.32 4.94 5.05
CB 3JR C . -5.12 4.34 5.85
CA 3JR C . -3.80 4.65 5.11
N 3JR C . -3.61 6.11 4.89
SBN 3JR C . -2.81 7.00 5.97
OAD 3JR C . -2.07 6.00 6.85
OAE 3JR C . -3.64 8.06 6.61
CBG 3JR C . -1.59 7.82 5.00
CAN 3JR C . -0.56 7.12 4.43
CBB 3JR C . 0.36 7.74 3.65
CLA 3JR C . 1.59 6.82 2.93
CAL 3JR C . 0.34 9.09 3.45
CBC 3JR C . -0.69 9.80 4.03
CLB 3JR C . -0.76 11.49 3.80
CAO 3JR C . -1.64 9.19 4.81
CAB 3JR D . 3.45 -1.59 1.48
OAY 3JR D . 3.18 -0.24 1.09
CBF 3JR D . 2.07 -0.05 0.25
CAM 3JR D . 1.31 -1.09 -0.25
CBE 3JR D . 1.78 1.27 -0.04
OAX 3JR D . 2.61 2.21 0.53
CAA 3JR D . 2.30 3.59 0.23
CAK 3JR D . 0.68 1.53 -0.87
CAJ 3JR D . -0.04 0.48 -1.37
CBD 3JR D . 0.21 -0.85 -1.04
OAZ 3JR D . -0.45 -1.96 -1.48
CAR 3JR D . -1.71 -1.81 -2.24
CAV 3JR D . -1.41 -1.50 -3.68
NBL 3JR D . -0.81 -2.63 -4.37
C 3JR D . 0.49 -2.55 -4.80
O 3JR D . 1.16 -1.58 -4.45
CAU 3JR D . -1.70 -3.76 -4.74
CBJ 3JR D . -1.92 -3.87 -6.25
CBH 3JR D . -3.27 -4.60 -6.49
OAG 3JR D . -3.22 -5.92 -5.91
CAP 3JR D . -3.56 -4.56 -7.96
OAF 3JR D . -4.82 -5.25 -8.22
CBK 3JR D . -0.72 -4.60 -6.87
CAT 3JR D . -0.13 -3.90 -8.12
CAQ 3JR D . 0.60 -2.62 -7.80
CB 3JR D . 1.73 -2.96 -6.86
CA 3JR D . 1.18 -3.58 -5.55
N 3JR D . 0.33 -4.79 -5.85
SBN 3JR D . 1.03 -6.30 -5.85
OAD 3JR D . 2.33 -6.19 -5.09
OAE 3JR D . 1.09 -6.95 -7.17
CBG 3JR D . -0.03 -7.31 -4.86
CAN 3JR D . -0.06 -7.11 -3.49
CBB 3JR D . -0.84 -7.91 -2.68
CLA 3JR D . -0.81 -7.67 -0.95
CAL 3JR D . -1.60 -8.93 -3.23
CBC 3JR D . -1.58 -9.10 -4.60
CLB 3JR D . -2.57 -10.28 -5.31
CAO 3JR D . -0.80 -8.32 -5.43
C ACT E . 1.65 14.88 -18.43
O ACT E . 2.47 13.89 -18.36
OXT ACT E . 0.62 15.11 -17.71
CH3 ACT E . 1.94 15.90 -19.48
C ACT F . 11.18 -16.14 -0.20
O ACT F . 12.10 -15.52 -0.82
OXT ACT F . 11.40 -17.21 0.46
CH3 ACT F . 9.79 -15.55 -0.25
#